data_6DLF
#
_entry.id   6DLF
#
_cell.length_a   76.517
_cell.length_b   101.996
_cell.length_c   134.025
_cell.angle_alpha   90.00
_cell.angle_beta   90.00
_cell.angle_gamma   90.00
#
_symmetry.space_group_name_H-M   'P 21 21 21'
#
loop_
_entity.id
_entity.type
_entity.pdbx_description
1 polymer Neurotrimin
2 branched 2-acetamido-2-deoxy-beta-D-glucopyranose-(1-4)-2-acetamido-2-deoxy-beta-D-glucopyranose
3 non-polymer 2-acetamido-2-deoxy-beta-D-glucopyranose
#
_entity_poly.entity_id   1
_entity_poly.type   'polypeptide(L)'
_entity_poly.pdbx_seq_one_letter_code
;DYKDDDDKAAAGDATFPKAMDNVTVRQGESATLRCTIDNRVTRVAWLNRSTILYAGNDKWCLDPRVVLLSNTQTQYSIEI
QNVDVYDEGPYTCSVQTDNHPKTSRVHLIVQVSPKIVEISSDISINEGNNISLTCIATGRPEPTVTWRHISPKAVGFVSE
DEYLEIQGITREQSGDYECSASNDVAAPVVRRVKVTVNYPPYISEAKGTGVPVGQKGTLQCEASAVPSAEFQWYKDDKRL
IEGKKGVKVENRPFLSKLIFFNVSEHDYGNYTCVASNKLGHTNASIMLFGPGAVSEVSNGLEVLFQ
;
_entity_poly.pdbx_strand_id   A,B
#
loop_
_chem_comp.id
_chem_comp.type
_chem_comp.name
_chem_comp.formula
NAG D-saccharide, beta linking 2-acetamido-2-deoxy-beta-D-glucopyranose 'C8 H15 N O6'
#
# COMPACT_ATOMS: atom_id res chain seq x y z
N ALA A 19 6.53 16.18 -13.15
CA ALA A 19 6.49 16.64 -14.54
C ALA A 19 7.76 16.25 -15.29
N MET A 20 8.41 15.17 -14.85
CA MET A 20 9.66 14.74 -15.46
C MET A 20 9.70 13.24 -15.63
N ASP A 21 10.29 12.82 -16.75
CA ASP A 21 10.34 11.40 -17.12
C ASP A 21 11.25 10.59 -16.23
N ASN A 22 10.85 9.35 -15.98
CA ASN A 22 11.70 8.39 -15.28
C ASN A 22 13.05 8.28 -15.97
N VAL A 23 14.07 7.92 -15.19
CA VAL A 23 15.41 7.76 -15.72
C VAL A 23 15.89 6.34 -15.40
N THR A 24 16.65 5.77 -16.32
CA THR A 24 17.11 4.40 -16.21
C THR A 24 18.53 4.29 -16.73
N VAL A 25 19.39 3.62 -15.98
CA VAL A 25 20.80 3.46 -16.34
C VAL A 25 21.25 2.06 -15.95
N ARG A 26 22.25 1.56 -16.67
CA ARG A 26 22.85 0.29 -16.31
C ARG A 26 23.75 0.45 -15.10
N GLN A 27 24.03 -0.68 -14.45
CA GLN A 27 24.89 -0.67 -13.28
C GLN A 27 26.29 -0.19 -13.65
N GLY A 28 26.88 0.61 -12.77
CA GLY A 28 28.21 1.13 -13.05
C GLY A 28 28.27 2.24 -14.07
N GLU A 29 27.15 2.89 -14.36
CA GLU A 29 27.09 3.99 -15.31
C GLU A 29 26.80 5.28 -14.56
N SER A 30 26.63 6.36 -15.31
CA SER A 30 26.35 7.67 -14.74
C SER A 30 24.95 8.11 -15.14
N ALA A 31 24.18 8.59 -14.17
CA ALA A 31 22.81 9.03 -14.38
C ALA A 31 22.72 10.52 -14.13
N THR A 32 22.14 11.25 -15.08
CA THR A 32 22.02 12.70 -15.01
C THR A 32 20.59 13.06 -14.67
N LEU A 33 20.40 13.83 -13.61
CA LEU A 33 19.08 14.23 -13.14
C LEU A 33 18.96 15.74 -13.39
N ARG A 34 18.27 16.10 -14.46
CA ARG A 34 18.10 17.49 -14.82
C ARG A 34 16.79 18.03 -14.24
N CYS A 35 16.76 19.36 -14.05
CA CYS A 35 15.57 20.03 -13.52
C CYS A 35 15.50 21.40 -14.17
N THR A 36 14.63 21.52 -15.18
CA THR A 36 14.43 22.79 -15.87
C THR A 36 13.71 23.78 -14.96
N ILE A 37 14.09 25.06 -15.06
CA ILE A 37 13.52 26.12 -14.25
C ILE A 37 13.05 27.21 -15.20
N ASP A 38 12.16 28.07 -14.69
CA ASP A 38 11.68 29.22 -15.43
C ASP A 38 11.49 30.39 -14.47
N ASN A 39 11.33 31.58 -15.04
CA ASN A 39 11.10 32.84 -14.30
C ASN A 39 12.24 33.01 -13.29
N ARG A 40 11.94 33.19 -12.01
CA ARG A 40 12.98 33.38 -11.00
C ARG A 40 12.64 32.51 -9.81
N VAL A 41 13.65 31.83 -9.27
CA VAL A 41 13.51 30.99 -8.09
C VAL A 41 14.60 31.38 -7.10
N THR A 42 14.20 31.59 -5.83
CA THR A 42 15.15 31.98 -4.80
C THR A 42 16.23 30.92 -4.61
N ARG A 43 15.82 29.68 -4.32
CA ARG A 43 16.77 28.60 -4.05
C ARG A 43 16.21 27.29 -4.56
N VAL A 44 17.10 26.43 -5.04
CA VAL A 44 16.74 25.12 -5.59
C VAL A 44 17.58 24.06 -4.89
N ALA A 45 17.04 22.85 -4.79
CA ALA A 45 17.72 21.74 -4.14
C ALA A 45 17.40 20.43 -4.85
N TRP A 46 18.23 19.43 -4.59
CA TRP A 46 17.98 18.05 -5.01
C TRP A 46 17.99 17.16 -3.79
N LEU A 47 17.02 16.24 -3.71
CA LEU A 47 16.87 15.37 -2.56
C LEU A 47 16.87 13.90 -2.97
N ASN A 48 17.47 13.08 -2.12
CA ASN A 48 17.44 11.63 -2.22
C ASN A 48 16.51 11.16 -1.12
N ARG A 49 15.27 10.84 -1.49
CA ARG A 49 14.19 10.58 -0.52
C ARG A 49 14.09 11.83 0.34
N SER A 50 14.23 11.75 1.66
CA SER A 50 14.20 12.94 2.50
C SER A 50 15.55 13.65 2.54
N THR A 51 16.65 12.92 2.38
CA THR A 51 17.98 13.50 2.52
C THR A 51 18.27 14.49 1.38
N ILE A 52 19.07 15.49 1.70
CA ILE A 52 19.44 16.55 0.76
C ILE A 52 20.80 16.22 0.16
N LEU A 53 20.90 16.31 -1.17
CA LEU A 53 22.17 16.12 -1.87
C LEU A 53 22.87 17.42 -2.17
N TYR A 54 22.15 18.38 -2.76
CA TYR A 54 22.66 19.69 -3.13
C TYR A 54 21.60 20.74 -2.82
N ALA A 55 22.06 21.90 -2.33
CA ALA A 55 21.21 23.06 -2.12
C ALA A 55 21.94 24.24 -2.75
N GLY A 56 21.49 24.65 -3.92
CA GLY A 56 22.24 25.65 -4.67
C GLY A 56 23.59 25.09 -5.07
N ASN A 57 24.64 25.83 -4.75
CA ASN A 57 26.02 25.37 -4.95
C ASN A 57 26.61 24.75 -3.69
N ASP A 58 25.79 24.48 -2.68
CA ASP A 58 26.24 23.86 -1.45
C ASP A 58 26.03 22.36 -1.55
N LYS A 59 27.11 21.60 -1.41
CA LYS A 59 27.08 20.15 -1.53
C LYS A 59 26.77 19.58 -0.14
N TRP A 60 25.51 19.19 0.08
CA TRP A 60 25.11 18.65 1.36
C TRP A 60 25.70 17.26 1.57
N CYS A 61 25.29 16.29 0.76
CA CYS A 61 25.84 14.95 0.89
C CYS A 61 27.28 14.95 0.40
N LEU A 62 28.15 14.27 1.14
CA LEU A 62 29.59 14.27 0.87
C LEU A 62 30.02 13.13 -0.06
N ASP A 63 29.10 12.49 -0.74
CA ASP A 63 29.49 11.39 -1.63
C ASP A 63 30.10 11.95 -2.90
N PRO A 64 31.33 11.56 -3.26
CA PRO A 64 31.97 12.16 -4.44
C PRO A 64 31.27 11.84 -5.75
N ARG A 65 30.43 10.80 -5.79
CA ARG A 65 29.75 10.43 -7.03
C ARG A 65 28.75 11.49 -7.45
N VAL A 66 28.19 12.23 -6.51
CA VAL A 66 27.25 13.30 -6.80
C VAL A 66 28.03 14.57 -7.08
N VAL A 67 27.98 15.04 -8.32
CA VAL A 67 28.65 16.27 -8.73
C VAL A 67 27.61 17.22 -9.31
N LEU A 68 27.68 18.48 -8.93
CA LEU A 68 26.79 19.49 -9.48
C LEU A 68 27.20 19.81 -10.91
N LEU A 69 26.24 19.83 -11.82
CA LEU A 69 26.53 20.09 -13.23
C LEU A 69 26.08 21.46 -13.71
N SER A 70 24.84 21.86 -13.41
CA SER A 70 24.32 23.15 -13.88
C SER A 70 23.57 23.83 -12.76
N ASN A 71 23.98 25.05 -12.41
CA ASN A 71 23.24 25.89 -11.48
C ASN A 71 22.74 27.17 -12.13
N THR A 72 22.78 27.28 -13.45
CA THR A 72 22.21 28.44 -14.11
C THR A 72 20.71 28.49 -13.86
N GLN A 73 20.14 29.69 -14.00
CA GLN A 73 18.71 29.85 -13.77
C GLN A 73 17.88 29.01 -14.75
N THR A 74 18.42 28.70 -15.93
CA THR A 74 17.65 27.94 -16.91
C THR A 74 17.34 26.53 -16.41
N GLN A 75 18.32 25.86 -15.80
CA GLN A 75 18.08 24.52 -15.27
C GLN A 75 19.10 24.19 -14.19
N TYR A 76 18.69 23.32 -13.27
CA TYR A 76 19.51 22.85 -12.16
C TYR A 76 19.65 21.34 -12.29
N SER A 77 20.87 20.85 -12.47
CA SER A 77 21.10 19.44 -12.76
C SER A 77 22.31 18.91 -12.00
N ILE A 78 22.21 17.66 -11.55
CA ILE A 78 23.31 16.95 -10.92
C ILE A 78 23.50 15.60 -11.62
N GLU A 79 24.64 14.97 -11.35
CA GLU A 79 25.00 13.70 -11.96
C GLU A 79 25.47 12.72 -10.89
N ILE A 80 25.02 11.48 -11.00
CA ILE A 80 25.38 10.41 -10.07
C ILE A 80 26.24 9.42 -10.82
N GLN A 81 27.53 9.34 -10.47
CA GLN A 81 28.46 8.45 -11.14
C GLN A 81 28.56 7.12 -10.37
N ASN A 82 28.97 6.09 -11.10
CA ASN A 82 29.18 4.74 -10.55
C ASN A 82 27.94 4.30 -9.75
N VAL A 83 26.78 4.34 -10.40
CA VAL A 83 25.53 4.08 -9.73
C VAL A 83 25.38 2.59 -9.45
N ASP A 84 24.84 2.26 -8.28
CA ASP A 84 24.51 0.89 -7.91
C ASP A 84 23.00 0.75 -7.83
N VAL A 85 22.55 -0.48 -7.61
CA VAL A 85 21.10 -0.73 -7.57
C VAL A 85 20.48 -0.09 -6.33
N TYR A 86 21.27 0.11 -5.27
CA TYR A 86 20.73 0.73 -4.07
C TYR A 86 20.36 2.18 -4.28
N ASP A 87 20.91 2.82 -5.33
CA ASP A 87 20.57 4.21 -5.62
C ASP A 87 19.21 4.36 -6.29
N GLU A 88 18.52 3.25 -6.56
CA GLU A 88 17.19 3.30 -7.13
C GLU A 88 16.20 3.86 -6.10
N GLY A 89 15.32 4.73 -6.56
CA GLY A 89 14.34 5.35 -5.70
C GLY A 89 13.90 6.69 -6.24
N PRO A 90 13.06 7.40 -5.47
CA PRO A 90 12.59 8.71 -5.91
C PRO A 90 13.59 9.80 -5.61
N TYR A 91 13.65 10.78 -6.50
CA TYR A 91 14.54 11.92 -6.37
C TYR A 91 13.77 13.18 -6.75
N THR A 92 13.68 14.13 -5.82
CA THR A 92 12.84 15.30 -5.99
C THR A 92 13.69 16.55 -6.18
N CYS A 93 13.22 17.44 -7.06
CA CYS A 93 13.85 18.73 -7.31
C CYS A 93 13.00 19.79 -6.61
N SER A 94 13.33 20.09 -5.36
CA SER A 94 12.53 20.99 -4.55
C SER A 94 12.81 22.43 -4.97
N VAL A 95 11.84 23.05 -5.64
CA VAL A 95 11.92 24.44 -6.07
C VAL A 95 11.05 25.26 -5.13
N GLN A 96 11.42 26.52 -4.92
CA GLN A 96 10.67 27.42 -4.05
C GLN A 96 10.35 28.72 -4.78
N THR A 97 9.06 29.01 -4.94
CA THR A 97 8.58 30.23 -5.56
C THR A 97 7.67 30.94 -4.55
N ASP A 98 7.60 32.28 -4.68
CA ASP A 98 6.92 33.09 -3.69
C ASP A 98 5.44 32.71 -3.57
N ASN A 99 4.75 32.59 -4.70
CA ASN A 99 3.31 32.29 -4.66
C ASN A 99 3.07 30.90 -4.09
N HIS A 100 3.78 29.89 -4.60
CA HIS A 100 3.62 28.52 -4.15
C HIS A 100 4.92 27.77 -4.39
N PRO A 101 5.28 26.83 -3.52
CA PRO A 101 6.49 26.03 -3.74
C PRO A 101 6.20 24.78 -4.56
N LYS A 102 6.97 24.54 -5.62
CA LYS A 102 6.77 23.41 -6.51
C LYS A 102 7.90 22.40 -6.34
N THR A 103 7.57 21.13 -6.53
CA THR A 103 8.54 20.05 -6.50
C THR A 103 8.29 19.09 -7.65
N SER A 104 9.37 18.49 -8.15
CA SER A 104 9.32 17.55 -9.27
C SER A 104 10.06 16.29 -8.87
N ARG A 105 9.35 15.17 -8.83
CA ARG A 105 9.92 13.89 -8.41
C ARG A 105 10.36 13.09 -9.63
N VAL A 106 11.50 12.41 -9.49
CA VAL A 106 12.06 11.59 -10.56
C VAL A 106 12.53 10.27 -9.95
N HIS A 107 12.17 9.16 -10.58
CA HIS A 107 12.53 7.83 -10.11
C HIS A 107 13.73 7.32 -10.89
N LEU A 108 14.80 6.98 -10.18
CA LEU A 108 15.99 6.38 -10.80
C LEU A 108 15.82 4.87 -10.80
N ILE A 109 16.07 4.25 -11.95
CA ILE A 109 15.87 2.81 -12.13
C ILE A 109 17.18 2.21 -12.61
N VAL A 110 17.73 1.28 -11.84
CA VAL A 110 19.00 0.64 -12.16
C VAL A 110 18.74 -0.70 -12.82
N GLN A 111 19.67 -1.13 -13.67
CA GLN A 111 19.54 -2.35 -14.46
C GLN A 111 20.83 -3.15 -14.37
N VAL A 112 20.68 -4.47 -14.26
CA VAL A 112 21.82 -5.38 -14.23
C VAL A 112 21.68 -6.36 -15.40
N SER A 113 22.76 -6.50 -16.17
CA SER A 113 22.77 -7.45 -17.27
C SER A 113 22.58 -8.87 -16.71
N PRO A 114 21.93 -9.76 -17.47
CA PRO A 114 21.69 -11.11 -16.94
C PRO A 114 22.98 -11.90 -16.84
N LYS A 115 23.04 -12.74 -15.80
CA LYS A 115 24.23 -13.54 -15.55
C LYS A 115 23.81 -14.94 -15.12
N ILE A 116 24.36 -15.94 -15.78
CA ILE A 116 24.05 -17.33 -15.44
C ILE A 116 24.95 -17.74 -14.27
N VAL A 117 24.35 -17.86 -13.09
CA VAL A 117 25.13 -18.19 -11.90
C VAL A 117 25.49 -19.66 -11.88
N GLU A 118 24.55 -20.54 -12.23
CA GLU A 118 24.78 -21.97 -12.10
C GLU A 118 24.08 -22.73 -13.22
N ILE A 119 24.78 -23.71 -13.76
CA ILE A 119 24.20 -24.75 -14.62
C ILE A 119 24.79 -26.07 -14.17
N SER A 120 24.08 -27.15 -14.48
CA SER A 120 24.61 -28.48 -14.20
C SER A 120 25.87 -28.70 -15.03
N SER A 121 26.82 -29.45 -14.47
CA SER A 121 28.03 -29.75 -15.22
C SER A 121 27.74 -30.79 -16.30
N ASP A 122 28.66 -30.91 -17.25
CA ASP A 122 28.53 -31.89 -18.30
C ASP A 122 28.42 -33.29 -17.70
N ILE A 123 27.57 -34.13 -18.30
CA ILE A 123 27.31 -35.46 -17.76
C ILE A 123 27.25 -36.49 -18.88
N SER A 124 27.50 -37.74 -18.50
CA SER A 124 27.21 -38.91 -19.30
C SER A 124 26.35 -39.84 -18.45
N ILE A 125 25.32 -40.42 -19.06
CA ILE A 125 24.29 -41.14 -18.31
C ILE A 125 23.88 -42.39 -19.06
N ASN A 126 23.48 -43.40 -18.29
CA ASN A 126 22.93 -44.63 -18.85
C ASN A 126 21.50 -44.40 -19.32
N GLU A 127 21.12 -45.11 -20.37
CA GLU A 127 19.78 -44.98 -20.94
C GLU A 127 18.71 -45.39 -19.94
N GLY A 128 17.56 -44.73 -20.02
CA GLY A 128 16.43 -45.06 -19.17
C GLY A 128 16.53 -44.59 -17.73
N ASN A 129 17.38 -43.62 -17.44
CA ASN A 129 17.51 -43.09 -16.09
C ASN A 129 16.82 -41.73 -15.99
N ASN A 130 16.67 -41.27 -14.75
CA ASN A 130 16.09 -39.95 -14.50
C ASN A 130 17.24 -38.96 -14.44
N ILE A 131 17.17 -37.92 -15.26
CA ILE A 131 18.15 -36.83 -15.22
C ILE A 131 17.40 -35.52 -15.05
N SER A 132 18.16 -34.49 -14.74
CA SER A 132 17.59 -33.18 -14.46
C SER A 132 18.62 -32.10 -14.75
N LEU A 133 18.16 -31.01 -15.35
CA LEU A 133 19.02 -29.89 -15.71
C LEU A 133 18.41 -28.63 -15.12
N THR A 134 19.26 -27.77 -14.57
CA THR A 134 18.84 -26.52 -13.97
C THR A 134 19.72 -25.39 -14.47
N CYS A 135 19.16 -24.18 -14.48
CA CYS A 135 19.90 -23.02 -14.95
C CYS A 135 19.46 -21.82 -14.11
N ILE A 136 20.22 -21.51 -13.07
CA ILE A 136 19.91 -20.41 -12.17
C ILE A 136 20.62 -19.17 -12.69
N ALA A 137 19.85 -18.13 -13.00
CA ALA A 137 20.38 -16.90 -13.56
C ALA A 137 19.91 -15.70 -12.77
N THR A 138 20.76 -14.67 -12.73
CA THR A 138 20.47 -13.44 -11.99
C THR A 138 20.56 -12.24 -12.92
N GLY A 139 19.82 -11.19 -12.55
CA GLY A 139 19.84 -9.95 -13.29
C GLY A 139 18.68 -9.07 -12.87
N ARG A 140 18.77 -7.80 -13.26
CA ARG A 140 17.70 -6.84 -13.00
C ARG A 140 17.22 -6.26 -14.32
N PRO A 141 15.95 -6.46 -14.71
CA PRO A 141 15.01 -7.24 -13.90
C PRO A 141 15.23 -8.75 -14.07
N GLU A 142 14.34 -9.55 -13.50
CA GLU A 142 14.50 -11.01 -13.53
C GLU A 142 14.51 -11.50 -14.97
N PRO A 143 15.55 -12.22 -15.40
CA PRO A 143 15.61 -12.68 -16.79
C PRO A 143 14.65 -13.84 -17.04
N THR A 144 14.41 -14.09 -18.31
CA THR A 144 13.57 -15.19 -18.76
C THR A 144 14.49 -16.30 -19.28
N VAL A 145 14.53 -17.41 -18.54
CA VAL A 145 15.40 -18.53 -18.85
C VAL A 145 14.66 -19.55 -19.70
N THR A 146 15.33 -20.05 -20.74
CA THR A 146 14.77 -21.05 -21.63
C THR A 146 15.81 -22.12 -21.92
N TRP A 147 15.34 -23.36 -22.07
CA TRP A 147 16.19 -24.50 -22.42
C TRP A 147 15.98 -24.86 -23.88
N ARG A 148 17.08 -25.13 -24.59
CA ARG A 148 17.05 -25.50 -26.00
C ARG A 148 17.86 -26.77 -26.19
N HIS A 149 17.30 -27.73 -26.94
CA HIS A 149 18.04 -28.93 -27.31
C HIS A 149 18.83 -28.61 -28.58
N ILE A 150 20.15 -28.48 -28.45
CA ILE A 150 21.02 -27.99 -29.51
C ILE A 150 21.59 -29.10 -30.38
N SER A 151 21.14 -30.34 -30.19
CA SER A 151 21.78 -31.45 -30.89
C SER A 151 21.63 -31.35 -32.40
N PRO A 152 22.73 -31.31 -33.15
CA PRO A 152 22.65 -31.24 -34.61
C PRO A 152 22.19 -32.56 -35.22
N LYS A 153 21.72 -32.48 -36.46
CA LYS A 153 21.24 -33.64 -37.22
C LYS A 153 20.12 -34.37 -36.49
N ALA A 154 19.32 -33.61 -35.75
CA ALA A 154 18.22 -34.18 -34.99
C ALA A 154 17.24 -33.07 -34.69
N VAL A 155 16.01 -33.46 -34.34
CA VAL A 155 14.98 -32.47 -34.04
C VAL A 155 15.27 -31.81 -32.70
N GLY A 156 14.99 -30.51 -32.61
CA GLY A 156 15.27 -29.75 -31.42
C GLY A 156 13.99 -29.32 -30.74
N PHE A 157 14.12 -28.66 -29.59
CA PHE A 157 12.95 -28.16 -28.90
C PHE A 157 13.35 -27.08 -27.90
N VAL A 158 12.45 -26.12 -27.72
CA VAL A 158 12.65 -25.00 -26.81
C VAL A 158 11.59 -25.11 -25.73
N SER A 159 11.95 -24.75 -24.50
CA SER A 159 11.01 -24.82 -23.39
C SER A 159 11.18 -23.63 -22.47
N GLU A 160 10.07 -23.20 -21.90
CA GLU A 160 10.00 -22.09 -20.96
C GLU A 160 10.09 -22.53 -19.50
N ASP A 161 10.68 -23.70 -19.25
CA ASP A 161 10.82 -24.22 -17.89
C ASP A 161 12.28 -24.04 -17.46
N GLU A 162 12.49 -23.28 -16.39
CA GLU A 162 13.82 -23.17 -15.81
C GLU A 162 14.31 -24.53 -15.35
N TYR A 163 13.42 -25.30 -14.73
CA TYR A 163 13.76 -26.62 -14.21
C TYR A 163 13.43 -27.61 -15.32
N LEU A 164 14.42 -28.37 -15.77
CA LEU A 164 14.25 -29.31 -16.87
C LEU A 164 14.53 -30.72 -16.37
N GLU A 165 13.55 -31.60 -16.53
CA GLU A 165 13.66 -32.99 -16.13
C GLU A 165 13.40 -33.90 -17.32
N ILE A 166 14.11 -35.03 -17.36
CA ILE A 166 13.94 -36.03 -18.39
C ILE A 166 13.71 -37.36 -17.70
N GLN A 167 12.61 -38.02 -18.04
CA GLN A 167 12.25 -39.32 -17.48
C GLN A 167 12.49 -40.37 -18.56
N GLY A 168 13.13 -41.47 -18.18
CA GLY A 168 13.42 -42.52 -19.15
C GLY A 168 14.19 -42.01 -20.34
N ILE A 169 15.40 -41.49 -20.10
CA ILE A 169 16.19 -40.88 -21.17
C ILE A 169 16.52 -41.90 -22.25
N THR A 170 16.42 -41.48 -23.50
CA THR A 170 16.71 -42.30 -24.66
C THR A 170 17.95 -41.80 -25.37
N ARG A 171 18.59 -42.71 -26.12
CA ARG A 171 19.77 -42.32 -26.90
C ARG A 171 19.46 -41.22 -27.90
N GLU A 172 18.20 -41.11 -28.33
CA GLU A 172 17.81 -40.03 -29.24
C GLU A 172 17.91 -38.66 -28.60
N GLN A 173 18.01 -38.59 -27.28
CA GLN A 173 18.03 -37.32 -26.55
C GLN A 173 19.44 -36.86 -26.20
N SER A 174 20.46 -37.55 -26.71
CA SER A 174 21.84 -37.12 -26.49
C SER A 174 22.15 -35.86 -27.29
N GLY A 175 22.94 -34.98 -26.70
CA GLY A 175 23.35 -33.76 -27.36
C GLY A 175 23.49 -32.63 -26.35
N ASP A 176 23.75 -31.45 -26.89
CA ASP A 176 23.94 -30.26 -26.08
C ASP A 176 22.61 -29.62 -25.71
N TYR A 177 22.56 -29.04 -24.51
CA TYR A 177 21.38 -28.33 -24.02
C TYR A 177 21.80 -26.91 -23.67
N GLU A 178 21.35 -25.94 -24.47
CA GLU A 178 21.75 -24.55 -24.30
C GLU A 178 20.75 -23.83 -23.41
N CYS A 179 21.23 -23.27 -22.31
CA CYS A 179 20.42 -22.37 -21.49
C CYS A 179 20.58 -20.94 -21.98
N SER A 180 19.48 -20.20 -21.94
CA SER A 180 19.47 -18.80 -22.36
C SER A 180 18.66 -17.99 -21.37
N ALA A 181 19.30 -17.01 -20.74
CA ALA A 181 18.62 -16.10 -19.81
C ALA A 181 18.60 -14.72 -20.44
N SER A 182 17.41 -14.15 -20.59
CA SER A 182 17.29 -12.89 -21.31
C SER A 182 16.32 -11.92 -20.66
N ASN A 183 16.74 -10.66 -20.59
CA ASN A 183 15.91 -9.51 -20.26
C ASN A 183 16.13 -8.45 -21.33
N ASP A 184 15.31 -7.41 -21.34
CA ASP A 184 15.46 -6.34 -22.31
C ASP A 184 16.66 -5.44 -22.05
N VAL A 185 17.40 -5.68 -20.97
CA VAL A 185 18.53 -4.82 -20.66
C VAL A 185 19.66 -5.05 -21.66
N ALA A 186 20.04 -6.30 -21.88
CA ALA A 186 21.15 -6.61 -22.77
C ALA A 186 20.83 -7.88 -23.55
N ALA A 187 21.72 -8.20 -24.47
CA ALA A 187 21.61 -9.40 -25.29
C ALA A 187 21.61 -10.64 -24.39
N PRO A 188 20.80 -11.65 -24.70
CA PRO A 188 20.73 -12.83 -23.81
C PRO A 188 22.07 -13.53 -23.71
N VAL A 189 22.36 -14.04 -22.52
CA VAL A 189 23.58 -14.79 -22.25
C VAL A 189 23.26 -16.27 -22.31
N VAL A 190 24.14 -17.05 -22.93
CA VAL A 190 23.90 -18.47 -23.11
C VAL A 190 25.11 -19.26 -22.63
N ARG A 191 24.84 -20.42 -22.05
CA ARG A 191 25.86 -21.41 -21.70
C ARG A 191 25.21 -22.77 -21.89
N ARG A 192 25.96 -23.70 -22.48
CA ARG A 192 25.42 -24.99 -22.88
C ARG A 192 26.06 -26.13 -22.10
N VAL A 193 25.36 -27.26 -22.09
CA VAL A 193 25.84 -28.48 -21.46
C VAL A 193 25.67 -29.64 -22.45
N LYS A 194 26.73 -30.41 -22.64
CA LYS A 194 26.70 -31.56 -23.53
C LYS A 194 26.31 -32.80 -22.73
N VAL A 195 25.31 -33.53 -23.22
CA VAL A 195 24.88 -34.78 -22.63
C VAL A 195 25.19 -35.91 -23.60
N THR A 196 25.83 -36.97 -23.10
CA THR A 196 26.07 -38.19 -23.86
C THR A 196 25.35 -39.33 -23.16
N VAL A 197 24.52 -40.05 -23.91
CA VAL A 197 23.65 -41.08 -23.36
C VAL A 197 24.26 -42.45 -23.62
N ASN A 198 24.46 -43.22 -22.55
CA ASN A 198 25.02 -44.56 -22.67
C ASN A 198 23.91 -45.57 -22.95
N TYR A 199 24.07 -46.34 -24.02
CA TYR A 199 23.12 -47.37 -24.41
C TYR A 199 23.89 -48.57 -24.91
N PRO A 200 23.43 -49.79 -24.60
CA PRO A 200 24.16 -50.98 -25.06
C PRO A 200 24.20 -51.05 -26.57
N PRO A 201 25.20 -51.72 -27.13
CA PRO A 201 25.38 -51.72 -28.58
C PRO A 201 24.25 -52.41 -29.32
N TYR A 202 24.08 -52.01 -30.57
CA TYR A 202 23.07 -52.59 -31.47
C TYR A 202 23.73 -52.77 -32.83
N ILE A 203 23.90 -54.02 -33.24
CA ILE A 203 24.57 -54.29 -34.50
C ILE A 203 23.66 -53.94 -35.67
N SER A 204 24.27 -53.49 -36.76
CA SER A 204 23.52 -53.10 -37.96
C SER A 204 24.13 -53.73 -39.22
N THR A 218 34.24 -57.59 -48.55
CA THR A 218 34.42 -58.70 -47.62
C THR A 218 33.30 -58.73 -46.57
N LEU A 219 33.66 -58.85 -45.28
CA LEU A 219 32.68 -58.95 -44.20
C LEU A 219 32.83 -57.77 -43.25
N GLN A 220 31.75 -57.03 -43.07
CA GLN A 220 31.71 -55.85 -42.21
C GLN A 220 30.60 -55.98 -41.18
N CYS A 221 30.81 -55.39 -40.00
CA CYS A 221 29.81 -55.36 -38.94
C CYS A 221 29.64 -53.92 -38.48
N GLU A 222 28.45 -53.35 -38.71
CA GLU A 222 28.12 -51.99 -38.31
C GLU A 222 27.38 -51.98 -36.97
N ALA A 223 27.73 -51.02 -36.12
CA ALA A 223 27.09 -50.90 -34.81
C ALA A 223 27.22 -49.46 -34.33
N SER A 224 26.33 -49.10 -33.39
CA SER A 224 26.32 -47.77 -32.80
C SER A 224 26.18 -47.91 -31.29
N ALA A 225 27.06 -47.22 -30.55
CA ALA A 225 27.04 -47.30 -29.10
C ALA A 225 27.76 -46.10 -28.52
N VAL A 226 27.36 -45.72 -27.31
CA VAL A 226 28.05 -44.69 -26.53
C VAL A 226 28.33 -45.29 -25.15
N PRO A 227 29.60 -45.49 -24.77
CA PRO A 227 30.80 -45.21 -25.56
C PRO A 227 30.93 -46.14 -26.76
N SER A 228 31.71 -45.73 -27.76
CA SER A 228 31.86 -46.53 -28.97
C SER A 228 32.33 -47.94 -28.62
N ALA A 229 31.63 -48.94 -29.16
CA ALA A 229 31.80 -50.31 -28.74
C ALA A 229 32.94 -50.98 -29.49
N GLU A 230 33.65 -51.87 -28.79
CA GLU A 230 34.70 -52.68 -29.38
C GLU A 230 34.11 -53.98 -29.90
N PHE A 231 34.41 -54.30 -31.16
CA PHE A 231 33.85 -55.46 -31.83
C PHE A 231 34.67 -56.70 -31.54
N GLN A 232 34.01 -57.85 -31.59
CA GLN A 232 34.67 -59.15 -31.45
C GLN A 232 34.12 -60.08 -32.52
N TRP A 233 35.02 -60.73 -33.24
CA TRP A 233 34.67 -61.68 -34.29
C TRP A 233 34.95 -63.10 -33.81
N TYR A 234 33.98 -63.98 -33.99
CA TYR A 234 34.10 -65.36 -33.56
C TYR A 234 33.67 -66.29 -34.70
N LYS A 235 34.27 -67.48 -34.73
CA LYS A 235 33.95 -68.46 -35.75
C LYS A 235 32.52 -68.96 -35.61
N LYS A 248 43.69 -59.96 -41.46
CA LYS A 248 43.50 -59.19 -40.23
C LYS A 248 42.13 -58.51 -40.22
N VAL A 249 41.93 -57.61 -39.26
CA VAL A 249 40.66 -56.92 -39.07
C VAL A 249 40.94 -55.46 -38.76
N GLU A 250 40.29 -54.56 -39.49
CA GLU A 250 40.41 -53.13 -39.30
C GLU A 250 39.19 -52.63 -38.55
N ASN A 251 39.40 -51.95 -37.43
CA ASN A 251 38.31 -51.48 -36.57
C ASN A 251 38.23 -49.96 -36.66
N ARG A 252 37.27 -49.48 -37.43
CA ARG A 252 36.92 -48.07 -37.47
C ARG A 252 36.06 -47.73 -36.25
N PRO A 253 35.92 -46.44 -35.92
CA PRO A 253 35.13 -46.10 -34.72
C PRO A 253 33.68 -46.51 -34.81
N PHE A 254 33.06 -46.38 -35.99
CA PHE A 254 31.63 -46.67 -36.13
C PHE A 254 31.34 -48.06 -36.69
N LEU A 255 32.34 -48.78 -37.19
CA LEU A 255 32.10 -50.10 -37.76
C LEU A 255 33.43 -50.84 -37.90
N SER A 256 33.34 -52.17 -37.93
CA SER A 256 34.50 -53.02 -38.11
C SER A 256 34.33 -53.85 -39.38
N LYS A 257 35.45 -54.28 -39.96
CA LYS A 257 35.42 -55.03 -41.20
C LYS A 257 36.44 -56.16 -41.14
N LEU A 258 36.04 -57.33 -41.65
CA LEU A 258 36.90 -58.50 -41.74
C LEU A 258 37.10 -58.86 -43.20
N ILE A 259 38.36 -58.98 -43.63
CA ILE A 259 38.66 -59.32 -45.02
C ILE A 259 39.11 -60.77 -45.14
N GLY A 269 31.92 -71.17 -44.35
CA GLY A 269 31.50 -71.37 -42.97
C GLY A 269 30.64 -70.24 -42.45
N ASN A 270 30.26 -70.33 -41.18
CA ASN A 270 29.42 -69.34 -40.52
C ASN A 270 30.18 -68.73 -39.35
N TYR A 271 30.22 -67.40 -39.30
CA TYR A 271 30.92 -66.66 -38.26
C TYR A 271 29.98 -65.62 -37.65
N THR A 272 30.24 -65.28 -36.40
CA THR A 272 29.40 -64.35 -35.66
C THR A 272 30.16 -63.06 -35.33
N CYS A 273 29.44 -61.93 -35.43
CA CYS A 273 29.93 -60.61 -35.03
C CYS A 273 29.43 -60.32 -33.62
N VAL A 274 30.34 -59.98 -32.72
CA VAL A 274 30.01 -59.66 -31.34
C VAL A 274 30.40 -58.21 -31.10
N ALA A 275 29.43 -57.39 -30.74
CA ALA A 275 29.67 -56.00 -30.36
C ALA A 275 29.35 -55.84 -28.88
N SER A 276 30.24 -55.19 -28.14
CA SER A 276 30.11 -55.11 -26.71
C SER A 276 30.68 -53.81 -26.17
N ASN A 277 30.07 -53.31 -25.10
CA ASN A 277 30.56 -52.18 -24.34
C ASN A 277 30.38 -52.50 -22.86
N LYS A 278 30.58 -51.50 -22.00
CA LYS A 278 30.51 -51.72 -20.56
C LYS A 278 29.13 -52.13 -20.08
N LEU A 279 28.08 -51.83 -20.83
CA LEU A 279 26.71 -52.09 -20.39
C LEU A 279 26.21 -53.47 -20.78
N GLY A 280 26.42 -53.88 -22.03
CA GLY A 280 25.89 -55.15 -22.49
C GLY A 280 26.65 -55.67 -23.68
N HIS A 281 26.13 -56.79 -24.23
CA HIS A 281 26.75 -57.48 -25.35
C HIS A 281 25.65 -57.94 -26.31
N THR A 282 26.00 -57.97 -27.59
CA THR A 282 25.13 -58.50 -28.64
C THR A 282 25.98 -59.30 -29.61
N ASN A 283 25.35 -60.31 -30.22
CA ASN A 283 26.03 -61.15 -31.21
C ASN A 283 25.17 -61.26 -32.47
N ALA A 284 25.79 -61.05 -33.62
CA ALA A 284 25.16 -61.16 -34.93
C ALA A 284 26.02 -62.03 -35.83
N SER A 285 25.40 -62.96 -36.53
CA SER A 285 26.14 -63.91 -37.36
C SER A 285 25.83 -63.68 -38.84
N ILE A 286 26.85 -63.90 -39.68
CA ILE A 286 26.70 -63.84 -41.12
C ILE A 286 27.54 -64.95 -41.74
N MET A 287 27.07 -65.45 -42.89
CA MET A 287 27.73 -66.53 -43.60
C MET A 287 28.09 -66.08 -45.01
N LEU A 288 29.28 -66.46 -45.46
CA LEU A 288 29.76 -66.08 -46.78
C LEU A 288 29.55 -67.21 -47.79
N MET B 20 9.92 7.21 15.39
CA MET B 20 8.58 7.04 15.92
C MET B 20 8.12 8.29 16.66
N ASP B 21 8.82 9.40 16.44
CA ASP B 21 8.48 10.65 17.11
C ASP B 21 7.14 11.16 16.60
N ASN B 22 6.33 11.69 17.50
CA ASN B 22 5.01 12.18 17.11
C ASN B 22 4.63 13.44 17.87
N VAL B 23 3.91 14.33 17.20
CA VAL B 23 3.38 15.56 17.78
C VAL B 23 1.93 15.75 17.35
N THR B 24 1.13 16.33 18.23
CA THR B 24 -0.29 16.58 17.96
C THR B 24 -0.69 17.92 18.57
N VAL B 25 -1.39 18.75 17.80
CA VAL B 25 -1.82 20.07 18.26
C VAL B 25 -3.22 20.37 17.72
N ARG B 26 -3.95 21.20 18.46
CA ARG B 26 -5.25 21.68 18.03
C ARG B 26 -5.11 22.77 16.98
N GLN B 27 -6.19 22.98 16.22
CA GLN B 27 -6.20 24.01 15.20
C GLN B 27 -6.04 25.40 15.81
N GLY B 28 -5.29 26.26 15.13
CA GLY B 28 -5.04 27.61 15.61
C GLY B 28 -4.05 27.71 16.75
N GLU B 29 -3.25 26.67 16.98
CA GLU B 29 -2.25 26.66 18.04
C GLU B 29 -0.85 26.57 17.43
N SER B 30 0.15 26.46 18.30
CA SER B 30 1.55 26.36 17.90
C SER B 30 2.13 25.01 18.28
N ALA B 31 2.87 24.40 17.35
CA ALA B 31 3.46 23.08 17.51
C ALA B 31 4.97 23.17 17.52
N THR B 32 5.61 22.50 18.50
CA THR B 32 7.05 22.54 18.67
C THR B 32 7.66 21.25 18.13
N LEU B 33 8.60 21.40 17.19
CA LEU B 33 9.26 20.28 16.53
C LEU B 33 10.74 20.25 16.91
N ARG B 34 11.11 19.38 17.83
CA ARG B 34 12.49 19.23 18.27
C ARG B 34 13.20 18.13 17.51
N CYS B 35 14.54 18.21 17.46
CA CYS B 35 15.35 17.22 16.76
C CYS B 35 16.67 17.06 17.53
N THR B 36 16.78 15.99 18.30
CA THR B 36 18.02 15.73 19.02
C THR B 36 19.12 15.26 18.09
N ILE B 37 20.32 15.77 18.31
CA ILE B 37 21.52 15.45 17.53
C ILE B 37 22.64 15.13 18.52
N ASP B 38 23.72 14.57 17.98
CA ASP B 38 24.95 14.31 18.72
C ASP B 38 26.14 14.65 17.84
N ASN B 39 27.29 14.79 18.49
CA ASN B 39 28.59 15.10 17.90
C ASN B 39 28.42 16.38 17.06
N ARG B 40 28.74 16.36 15.77
CA ARG B 40 28.73 17.53 14.90
C ARG B 40 28.06 17.17 13.58
N VAL B 41 27.24 18.08 13.05
CA VAL B 41 26.59 17.87 11.76
C VAL B 41 26.88 19.09 10.88
N THR B 42 27.27 18.85 9.63
CA THR B 42 27.61 19.96 8.74
C THR B 42 26.44 20.91 8.60
N ARG B 43 25.28 20.39 8.18
CA ARG B 43 24.09 21.20 7.96
C ARG B 43 22.88 20.35 8.32
N VAL B 44 21.87 21.01 8.91
CA VAL B 44 20.65 20.34 9.35
C VAL B 44 19.46 21.09 8.76
N ALA B 45 18.36 20.36 8.56
CA ALA B 45 17.16 20.97 7.99
C ALA B 45 15.92 20.38 8.63
N TRP B 46 14.82 21.11 8.47
CA TRP B 46 13.48 20.63 8.79
C TRP B 46 12.65 20.75 7.52
N LEU B 47 11.88 19.71 7.22
CA LEU B 47 11.13 19.67 5.97
C LEU B 47 9.65 19.44 6.22
N ASN B 48 8.84 20.06 5.36
CA ASN B 48 7.40 19.83 5.29
C ASN B 48 7.19 19.01 4.02
N ARG B 49 7.00 17.69 4.20
CA ARG B 49 6.94 16.73 3.09
C ARG B 49 8.22 16.86 2.28
N SER B 50 8.17 17.16 0.98
CA SER B 50 9.38 17.30 0.19
C SER B 50 10.02 18.68 0.33
N THR B 51 9.22 19.73 0.53
CA THR B 51 9.76 21.08 0.57
C THR B 51 10.57 21.31 1.84
N ILE B 52 11.59 22.17 1.72
CA ILE B 52 12.46 22.53 2.83
C ILE B 52 11.97 23.84 3.40
N LEU B 53 11.86 23.91 4.72
CA LEU B 53 11.48 25.12 5.42
C LEU B 53 12.71 25.89 5.92
N TYR B 54 13.63 25.21 6.58
CA TYR B 54 14.78 25.89 7.15
C TYR B 54 16.02 25.01 6.98
N ALA B 55 17.15 25.64 6.68
CA ALA B 55 18.45 24.95 6.63
C ALA B 55 19.45 25.78 7.43
N GLY B 56 19.75 25.33 8.65
CA GLY B 56 20.54 26.15 9.54
C GLY B 56 19.77 27.40 9.92
N ASN B 57 20.37 28.57 9.71
CA ASN B 57 19.69 29.83 9.90
C ASN B 57 19.10 30.39 8.61
N ASP B 58 19.02 29.57 7.56
CA ASP B 58 18.48 30.00 6.28
C ASP B 58 16.99 29.66 6.23
N LYS B 59 16.15 30.68 6.04
CA LYS B 59 14.71 30.52 5.99
C LYS B 59 14.31 30.23 4.54
N TRP B 60 14.06 28.96 4.24
CA TRP B 60 13.67 28.62 2.88
C TRP B 60 12.25 29.07 2.59
N CYS B 61 11.27 28.46 3.26
CA CYS B 61 9.87 28.79 3.02
C CYS B 61 9.53 30.21 3.49
N LEU B 62 8.66 30.88 2.74
CA LEU B 62 8.33 32.27 3.01
C LEU B 62 7.21 32.45 4.02
N ASP B 63 6.76 31.38 4.66
CA ASP B 63 5.71 31.52 5.67
C ASP B 63 6.31 31.94 7.01
N PRO B 64 5.90 33.07 7.59
CA PRO B 64 6.49 33.51 8.86
C PRO B 64 6.15 32.62 10.04
N ARG B 65 5.13 31.75 9.93
CA ARG B 65 4.71 30.97 11.08
C ARG B 65 5.80 30.02 11.56
N VAL B 66 6.69 29.57 10.67
CA VAL B 66 7.79 28.72 11.09
C VAL B 66 8.93 29.64 11.52
N VAL B 67 9.27 29.61 12.81
CA VAL B 67 10.28 30.46 13.40
C VAL B 67 11.35 29.59 14.03
N LEU B 68 12.61 30.03 13.92
CA LEU B 68 13.72 29.31 14.52
C LEU B 68 13.63 29.41 16.04
N LEU B 69 13.77 28.27 16.71
CA LEU B 69 13.72 28.20 18.16
C LEU B 69 15.09 27.95 18.79
N SER B 70 15.82 26.95 18.29
CA SER B 70 17.13 26.62 18.79
C SER B 70 18.06 26.33 17.61
N ASN B 71 19.18 27.03 17.56
CA ASN B 71 20.21 26.79 16.55
C ASN B 71 21.50 26.23 17.17
N THR B 72 21.43 25.76 18.40
CA THR B 72 22.59 25.13 19.02
C THR B 72 22.96 23.87 18.26
N GLN B 73 24.23 23.48 18.38
CA GLN B 73 24.70 22.27 17.71
C GLN B 73 24.06 21.02 18.30
N THR B 74 23.78 21.03 19.61
CA THR B 74 23.22 19.86 20.28
C THR B 74 21.78 19.59 19.85
N GLN B 75 20.99 20.62 19.58
CA GLN B 75 19.62 20.38 19.17
C GLN B 75 19.14 21.49 18.23
N TYR B 76 18.30 21.10 17.30
CA TYR B 76 17.71 21.99 16.30
C TYR B 76 16.20 21.85 16.39
N SER B 77 15.52 22.96 16.68
CA SER B 77 14.08 22.94 16.88
C SER B 77 13.45 24.13 16.19
N ILE B 78 12.28 23.90 15.58
CA ILE B 78 11.47 24.95 14.98
C ILE B 78 10.06 24.80 15.53
N GLU B 79 9.27 25.86 15.35
CA GLU B 79 7.90 25.88 15.84
C GLU B 79 6.98 26.36 14.73
N ILE B 80 5.83 25.71 14.59
CA ILE B 80 4.84 26.04 13.56
C ILE B 80 3.64 26.66 14.28
N GLN B 81 3.46 27.95 14.09
CA GLN B 81 2.38 28.71 14.70
C GLN B 81 1.20 28.83 13.73
N ASN B 82 0.03 29.11 14.30
CA ASN B 82 -1.19 29.28 13.52
C ASN B 82 -1.43 28.09 12.60
N VAL B 83 -1.46 26.89 13.21
CA VAL B 83 -1.56 25.67 12.43
C VAL B 83 -2.98 25.52 11.89
N ASP B 84 -3.08 25.08 10.64
CA ASP B 84 -4.35 24.76 10.00
C ASP B 84 -4.37 23.25 9.72
N VAL B 85 -5.51 22.77 9.22
CA VAL B 85 -5.62 21.35 8.93
C VAL B 85 -4.73 20.97 7.75
N TYR B 86 -4.43 21.92 6.87
CA TYR B 86 -3.55 21.65 5.73
C TYR B 86 -2.11 21.36 6.15
N ASP B 87 -1.70 21.81 7.34
CA ASP B 87 -0.35 21.58 7.82
C ASP B 87 -0.13 20.17 8.35
N GLU B 88 -1.15 19.33 8.36
CA GLU B 88 -0.98 17.95 8.78
C GLU B 88 -0.13 17.19 7.78
N GLY B 89 0.80 16.39 8.30
CA GLY B 89 1.68 15.61 7.45
C GLY B 89 3.01 15.28 8.11
N PRO B 90 3.89 14.63 7.36
CA PRO B 90 5.19 14.24 7.90
C PRO B 90 6.21 15.37 7.84
N TYR B 91 7.09 15.39 8.84
CA TYR B 91 8.15 16.39 8.93
C TYR B 91 9.45 15.68 9.32
N THR B 92 10.46 15.79 8.48
CA THR B 92 11.72 15.07 8.64
C THR B 92 12.85 16.03 8.99
N CYS B 93 13.75 15.56 9.87
CA CYS B 93 14.94 16.31 10.28
C CYS B 93 16.14 15.68 9.58
N SER B 94 16.47 16.23 8.40
CA SER B 94 17.53 15.68 7.55
C SER B 94 18.89 16.04 8.12
N VAL B 95 19.60 15.04 8.63
CA VAL B 95 20.95 15.18 9.18
C VAL B 95 21.96 14.68 8.16
N GLN B 96 23.17 15.25 8.20
CA GLN B 96 24.27 14.80 7.35
C GLN B 96 25.44 14.47 8.27
N THR B 97 25.77 13.19 8.37
CA THR B 97 26.88 12.73 9.18
C THR B 97 27.81 11.86 8.35
N ASP B 98 29.11 11.91 8.67
CA ASP B 98 30.10 11.18 7.90
C ASP B 98 29.94 9.67 8.06
N ASN B 99 29.79 9.21 9.29
CA ASN B 99 29.76 7.77 9.56
C ASN B 99 28.53 7.10 8.95
N HIS B 100 27.34 7.65 9.20
CA HIS B 100 26.11 7.07 8.69
C HIS B 100 25.07 8.17 8.53
N PRO B 101 24.21 8.08 7.51
CA PRO B 101 23.16 9.10 7.35
C PRO B 101 21.87 8.73 8.07
N LYS B 102 21.43 9.61 8.97
CA LYS B 102 20.21 9.41 9.73
C LYS B 102 19.18 10.49 9.40
N THR B 103 17.91 10.12 9.48
CA THR B 103 16.81 11.06 9.35
C THR B 103 15.77 10.73 10.42
N SER B 104 15.06 11.77 10.89
CA SER B 104 14.06 11.62 11.93
C SER B 104 12.76 12.24 11.46
N ARG B 105 11.73 11.41 11.30
CA ARG B 105 10.43 11.85 10.83
C ARG B 105 9.49 12.05 12.01
N VAL B 106 8.62 13.05 11.89
CA VAL B 106 7.63 13.36 12.91
C VAL B 106 6.30 13.62 12.23
N HIS B 107 5.24 13.01 12.73
CA HIS B 107 3.91 13.14 12.15
C HIS B 107 3.14 14.21 12.92
N LEU B 108 2.73 15.26 12.23
CA LEU B 108 1.92 16.32 12.82
C LEU B 108 0.44 16.01 12.64
N ILE B 109 -0.33 16.18 13.71
CA ILE B 109 -1.75 15.85 13.72
C ILE B 109 -2.53 17.09 14.14
N VAL B 110 -3.40 17.57 13.26
CA VAL B 110 -4.23 18.73 13.51
C VAL B 110 -5.61 18.24 13.96
N GLN B 111 -6.31 19.06 14.74
CA GLN B 111 -7.57 18.66 15.34
C GLN B 111 -8.63 19.74 15.11
N VAL B 112 -9.86 19.28 14.84
CA VAL B 112 -11.00 20.16 14.64
C VAL B 112 -12.06 19.83 15.69
N SER B 113 -12.57 20.88 16.33
CA SER B 113 -13.65 20.73 17.30
C SER B 113 -14.88 20.13 16.62
N PRO B 114 -15.68 19.35 17.34
CA PRO B 114 -16.80 18.66 16.67
C PRO B 114 -17.87 19.64 16.24
N LYS B 115 -18.54 19.31 15.15
CA LYS B 115 -19.58 20.16 14.58
C LYS B 115 -20.72 19.26 14.12
N ILE B 116 -21.92 19.57 14.59
CA ILE B 116 -23.11 18.80 14.23
C ILE B 116 -23.61 19.31 12.88
N VAL B 117 -23.40 18.51 11.83
CA VAL B 117 -23.77 18.93 10.49
C VAL B 117 -25.28 18.83 10.29
N GLU B 118 -25.90 17.75 10.76
CA GLU B 118 -27.31 17.49 10.49
C GLU B 118 -27.96 16.83 11.70
N ILE B 119 -29.18 17.28 12.03
CA ILE B 119 -30.04 16.61 12.99
C ILE B 119 -31.45 16.55 12.44
N SER B 120 -32.22 15.62 12.98
CA SER B 120 -33.64 15.52 12.65
C SER B 120 -34.38 16.76 13.12
N SER B 121 -35.39 17.17 12.35
CA SER B 121 -36.22 18.27 12.77
C SER B 121 -37.24 17.82 13.81
N ASP B 122 -37.81 18.78 14.52
CA ASP B 122 -38.85 18.48 15.50
C ASP B 122 -40.05 17.80 14.82
N ILE B 123 -40.66 16.87 15.55
CA ILE B 123 -41.79 16.11 15.03
C ILE B 123 -42.85 16.00 16.11
N SER B 124 -44.09 15.77 15.67
CA SER B 124 -45.20 15.39 16.53
C SER B 124 -45.78 14.09 15.99
N ILE B 125 -46.09 13.16 16.89
CA ILE B 125 -46.42 11.81 16.49
C ILE B 125 -47.57 11.30 17.35
N ASN B 126 -48.38 10.43 16.75
CA ASN B 126 -49.44 9.76 17.49
C ASN B 126 -48.84 8.66 18.36
N GLU B 127 -49.46 8.41 19.51
CA GLU B 127 -48.94 7.43 20.43
C GLU B 127 -48.90 6.05 19.77
N GLY B 128 -47.85 5.29 20.08
CA GLY B 128 -47.69 3.97 19.50
C GLY B 128 -47.23 3.96 18.06
N ASN B 129 -46.65 5.06 17.58
CA ASN B 129 -46.14 5.14 16.22
C ASN B 129 -44.62 5.02 16.22
N ASN B 130 -44.06 4.90 15.03
CA ASN B 130 -42.61 4.78 14.86
C ASN B 130 -41.99 6.14 14.62
N ILE B 131 -40.93 6.44 15.38
CA ILE B 131 -40.12 7.63 15.15
C ILE B 131 -38.69 7.19 14.95
N SER B 132 -37.87 8.11 14.42
CA SER B 132 -36.48 7.83 14.13
C SER B 132 -35.72 9.15 14.15
N LEU B 133 -34.55 9.14 14.80
CA LEU B 133 -33.74 10.35 14.95
C LEU B 133 -32.30 10.07 14.59
N THR B 134 -31.67 11.06 13.94
CA THR B 134 -30.27 10.97 13.54
C THR B 134 -29.57 12.26 13.96
N CYS B 135 -28.26 12.15 14.22
CA CYS B 135 -27.41 13.28 14.63
C CYS B 135 -26.04 13.05 14.01
N ILE B 136 -25.81 13.65 12.85
CA ILE B 136 -24.56 13.50 12.11
C ILE B 136 -23.61 14.62 12.50
N ALA B 137 -22.45 14.27 13.03
CA ALA B 137 -21.46 15.24 13.49
C ALA B 137 -20.11 14.91 12.87
N THR B 138 -19.33 15.96 12.63
CA THR B 138 -18.01 15.84 12.02
C THR B 138 -16.96 16.47 12.93
N GLY B 139 -15.74 15.97 12.81
CA GLY B 139 -14.63 16.51 13.59
C GLY B 139 -13.46 15.58 13.57
N ARG B 140 -12.32 16.13 13.99
CA ARG B 140 -11.07 15.36 14.12
C ARG B 140 -10.60 15.44 15.56
N PRO B 141 -10.49 14.31 16.28
CA PRO B 141 -10.81 12.95 15.82
C PRO B 141 -12.31 12.66 15.78
N GLU B 142 -12.65 11.39 15.56
CA GLU B 142 -14.04 10.98 15.40
C GLU B 142 -14.86 11.35 16.64
N PRO B 143 -15.93 12.12 16.49
CA PRO B 143 -16.72 12.49 17.68
C PRO B 143 -17.57 11.33 18.17
N THR B 144 -17.99 11.44 19.43
CA THR B 144 -18.87 10.47 20.07
C THR B 144 -20.25 11.11 20.21
N VAL B 145 -21.22 10.58 19.46
CA VAL B 145 -22.58 11.11 19.48
C VAL B 145 -23.41 10.29 20.46
N THR B 146 -24.20 10.99 21.28
CA THR B 146 -25.06 10.34 22.26
C THR B 146 -26.42 11.02 22.27
N TRP B 147 -27.47 10.24 22.48
CA TRP B 147 -28.83 10.75 22.60
C TRP B 147 -29.27 10.69 24.06
N ARG B 148 -29.89 11.76 24.54
CA ARG B 148 -30.37 11.83 25.92
C ARG B 148 -31.82 12.27 25.94
N HIS B 149 -32.63 11.56 26.72
CA HIS B 149 -34.02 11.93 26.99
C HIS B 149 -34.05 12.87 28.18
N ILE B 150 -34.48 14.13 27.95
CA ILE B 150 -34.38 15.15 29.00
C ILE B 150 -35.53 15.08 29.99
N SER B 151 -36.41 14.11 29.86
CA SER B 151 -37.52 13.95 30.79
C SER B 151 -36.96 13.60 32.16
N PRO B 152 -37.43 14.22 33.24
CA PRO B 152 -36.86 13.92 34.56
C PRO B 152 -37.11 12.47 34.95
N LYS B 153 -36.28 12.00 35.89
CA LYS B 153 -36.29 10.60 36.33
C LYS B 153 -36.01 9.65 35.16
N ALA B 154 -35.19 10.09 34.21
CA ALA B 154 -34.89 9.28 33.04
C ALA B 154 -33.95 8.13 33.42
N VAL B 155 -33.95 7.11 32.57
CA VAL B 155 -33.11 5.95 32.83
C VAL B 155 -31.64 6.25 32.56
N GLY B 156 -31.36 7.00 31.51
CA GLY B 156 -30.00 7.22 31.09
C GLY B 156 -29.97 7.45 29.59
N PHE B 157 -28.74 7.63 29.07
CA PHE B 157 -28.53 7.77 27.63
C PHE B 157 -29.38 6.75 26.87
N VAL B 158 -29.83 7.10 25.66
CA VAL B 158 -30.77 6.28 24.93
C VAL B 158 -30.11 5.62 23.72
N SER B 159 -29.19 6.31 23.06
CA SER B 159 -28.41 5.70 22.00
C SER B 159 -27.00 6.30 22.03
N GLU B 160 -25.99 5.47 21.82
CA GLU B 160 -24.62 5.95 21.71
C GLU B 160 -24.19 6.09 20.26
N ASP B 161 -25.13 6.02 19.33
CA ASP B 161 -24.90 6.18 17.90
C ASP B 161 -25.59 7.44 17.40
N GLU B 162 -25.32 7.77 16.14
CA GLU B 162 -26.04 8.85 15.47
C GLU B 162 -27.53 8.53 15.37
N TYR B 163 -27.86 7.27 15.09
CA TYR B 163 -29.23 6.86 14.80
C TYR B 163 -29.99 6.45 16.06
N LEU B 164 -31.13 7.10 16.30
CA LEU B 164 -32.03 6.79 17.40
C LEU B 164 -33.39 6.45 16.82
N GLU B 165 -33.89 5.25 17.12
CA GLU B 165 -35.22 4.85 16.69
C GLU B 165 -36.02 4.37 17.90
N ILE B 166 -37.32 4.66 17.90
CA ILE B 166 -38.21 4.29 18.99
C ILE B 166 -39.42 3.57 18.42
N GLN B 167 -39.72 2.39 18.96
CA GLN B 167 -40.88 1.60 18.56
C GLN B 167 -41.96 1.67 19.63
N GLY B 168 -43.20 1.85 19.19
CA GLY B 168 -44.33 1.95 20.09
C GLY B 168 -44.15 3.08 21.07
N ILE B 169 -43.98 4.30 20.56
CA ILE B 169 -43.70 5.43 21.42
C ILE B 169 -44.89 5.67 22.36
N THR B 170 -44.58 5.97 23.61
CA THR B 170 -45.58 6.20 24.64
C THR B 170 -45.58 7.67 25.03
N ARG B 171 -46.71 8.14 25.55
CA ARG B 171 -46.81 9.52 26.02
C ARG B 171 -45.75 9.83 27.06
N GLU B 172 -45.27 8.80 27.77
CA GLU B 172 -44.20 8.98 28.74
C GLU B 172 -42.87 9.35 28.07
N GLN B 173 -42.74 9.14 26.76
CA GLN B 173 -41.51 9.40 26.05
C GLN B 173 -41.51 10.72 25.30
N SER B 174 -42.56 11.53 25.44
CA SER B 174 -42.58 12.84 24.82
C SER B 174 -41.63 13.78 25.53
N GLY B 175 -40.97 14.64 24.78
CA GLY B 175 -40.05 15.60 25.35
C GLY B 175 -38.87 15.83 24.41
N ASP B 176 -37.91 16.60 24.91
CA ASP B 176 -36.73 16.92 24.14
C ASP B 176 -35.69 15.80 24.23
N TYR B 177 -34.97 15.61 23.13
CA TYR B 177 -33.91 14.61 23.03
C TYR B 177 -32.61 15.32 22.67
N GLU B 178 -31.66 15.34 23.60
CA GLU B 178 -30.43 16.08 23.45
C GLU B 178 -29.37 15.19 22.80
N CYS B 179 -28.87 15.64 21.66
CA CYS B 179 -27.70 15.01 21.04
C CYS B 179 -26.45 15.67 21.59
N SER B 180 -25.41 14.86 21.82
CA SER B 180 -24.14 15.35 22.35
C SER B 180 -23.00 14.73 21.57
N ALA B 181 -22.22 15.58 20.92
CA ALA B 181 -21.05 15.15 20.15
C ALA B 181 -19.81 15.73 20.81
N SER B 182 -18.87 14.85 21.15
CA SER B 182 -17.62 15.22 21.78
C SER B 182 -16.52 14.41 21.12
N ASN B 183 -15.39 15.05 20.83
CA ASN B 183 -14.21 14.36 20.32
C ASN B 183 -13.03 14.58 21.24
N ASP B 184 -13.27 15.09 22.45
CA ASP B 184 -12.28 15.35 23.48
C ASP B 184 -11.34 16.50 23.12
N VAL B 185 -11.50 17.11 21.94
CA VAL B 185 -10.68 18.25 21.56
C VAL B 185 -11.09 19.48 22.36
N ALA B 186 -12.38 19.80 22.35
CA ALA B 186 -12.93 20.99 22.98
C ALA B 186 -14.26 20.63 23.62
N ALA B 187 -14.90 21.63 24.24
CA ALA B 187 -16.16 21.38 24.91
C ALA B 187 -17.18 20.82 23.93
N PRO B 188 -17.93 19.79 24.30
CA PRO B 188 -18.87 19.17 23.36
C PRO B 188 -19.99 20.11 22.96
N VAL B 189 -20.44 19.97 21.71
CA VAL B 189 -21.56 20.74 21.18
C VAL B 189 -22.81 19.88 21.29
N VAL B 190 -23.91 20.49 21.73
CA VAL B 190 -25.17 19.77 21.95
C VAL B 190 -26.29 20.52 21.25
N ARG B 191 -27.27 19.75 20.76
CA ARG B 191 -28.50 20.28 20.20
C ARG B 191 -29.64 19.32 20.52
N ARG B 192 -30.80 19.88 20.81
CA ARG B 192 -31.95 19.10 21.26
C ARG B 192 -33.05 19.12 20.21
N VAL B 193 -33.89 18.10 20.25
CA VAL B 193 -35.07 18.00 19.39
C VAL B 193 -36.25 17.58 20.27
N LYS B 194 -37.35 18.33 20.17
CA LYS B 194 -38.55 18.03 20.94
C LYS B 194 -39.49 17.16 20.11
N VAL B 195 -39.94 16.07 20.72
CA VAL B 195 -40.98 15.22 20.14
C VAL B 195 -42.21 15.32 21.03
N THR B 196 -43.37 15.50 20.42
CA THR B 196 -44.63 15.55 21.14
C THR B 196 -45.51 14.38 20.70
N VAL B 197 -45.99 13.62 21.66
CA VAL B 197 -46.75 12.41 21.42
C VAL B 197 -48.23 12.72 21.56
N ASN B 198 -49.00 12.42 20.51
CA ASN B 198 -50.44 12.67 20.51
C ASN B 198 -51.16 11.50 21.16
N TYR B 199 -52.00 11.81 22.15
CA TYR B 199 -52.78 10.77 22.79
C TYR B 199 -54.20 11.26 23.05
N PRO B 200 -55.20 10.40 22.84
CA PRO B 200 -56.60 10.79 23.07
C PRO B 200 -56.85 11.12 24.52
N PRO B 201 -57.88 11.91 24.82
CA PRO B 201 -58.05 12.39 26.20
C PRO B 201 -58.36 11.23 27.13
N TYR B 202 -57.94 11.38 28.38
CA TYR B 202 -58.14 10.36 29.41
C TYR B 202 -58.51 11.09 30.70
N ILE B 203 -59.76 10.94 31.13
CA ILE B 203 -60.24 11.59 32.35
C ILE B 203 -59.69 10.85 33.56
N SER B 204 -59.47 11.59 34.65
CA SER B 204 -58.98 10.99 35.88
C SER B 204 -59.80 11.47 37.08
N THR B 218 -68.52 23.23 41.22
CA THR B 218 -69.21 22.20 41.98
C THR B 218 -68.70 20.81 41.59
N LEU B 219 -68.67 20.54 40.29
CA LEU B 219 -68.24 19.25 39.76
C LEU B 219 -67.03 19.46 38.87
N GLN B 220 -65.92 18.79 39.20
CA GLN B 220 -64.69 18.93 38.44
C GLN B 220 -64.20 17.57 37.95
N CYS B 221 -63.65 17.55 36.74
CA CYS B 221 -63.03 16.38 36.13
C CYS B 221 -61.69 16.79 35.57
N GLU B 222 -60.61 16.23 36.09
CA GLU B 222 -59.28 16.52 35.57
C GLU B 222 -58.92 15.48 34.50
N ALA B 223 -58.27 15.93 33.45
CA ALA B 223 -57.93 15.07 32.32
C ALA B 223 -56.68 15.59 31.63
N SER B 224 -56.05 14.71 30.87
CA SER B 224 -54.81 15.01 30.15
C SER B 224 -54.94 14.55 28.72
N ALA B 225 -54.55 15.40 27.78
CA ALA B 225 -54.66 15.09 26.36
C ALA B 225 -53.68 15.93 25.57
N VAL B 226 -53.22 15.38 24.44
CA VAL B 226 -52.42 16.11 23.47
C VAL B 226 -53.06 15.94 22.10
N PRO B 227 -53.58 17.00 21.47
CA PRO B 227 -53.61 18.37 22.01
C PRO B 227 -54.55 18.51 23.21
N SER B 228 -54.35 19.54 24.03
CA SER B 228 -55.15 19.72 25.23
C SER B 228 -56.63 19.76 24.89
N ALA B 229 -57.41 18.96 25.60
CA ALA B 229 -58.81 18.73 25.26
C ALA B 229 -59.71 19.77 25.89
N GLU B 230 -60.76 20.14 25.16
CA GLU B 230 -61.80 21.02 25.68
C GLU B 230 -62.91 20.17 26.28
N PHE B 231 -63.32 20.50 27.50
CA PHE B 231 -64.30 19.70 28.23
C PHE B 231 -65.72 20.12 27.83
N GLN B 232 -66.63 19.15 27.89
CA GLN B 232 -68.04 19.37 27.59
C GLN B 232 -68.91 18.62 28.60
N TRP B 233 -69.93 19.29 29.13
CA TRP B 233 -70.86 18.66 30.05
C TRP B 233 -72.16 18.37 29.33
N TYR B 234 -72.66 17.14 29.49
CA TYR B 234 -73.88 16.71 28.83
C TYR B 234 -74.80 16.03 29.84
N LYS B 235 -76.10 16.13 29.60
CA LYS B 235 -77.09 15.52 30.48
C LYS B 235 -78.40 15.25 29.72
N LYS B 248 -72.39 30.31 34.79
CA LYS B 248 -71.53 29.89 33.70
C LYS B 248 -70.63 28.73 34.12
N VAL B 249 -69.65 28.41 33.28
CA VAL B 249 -68.75 27.29 33.51
C VAL B 249 -67.34 27.71 33.10
N GLU B 250 -66.38 27.53 34.00
CA GLU B 250 -64.98 27.87 33.73
C GLU B 250 -64.21 26.58 33.48
N ASN B 251 -63.60 26.48 32.29
CA ASN B 251 -62.86 25.29 31.86
C ASN B 251 -61.39 25.65 31.69
N ARG B 252 -60.55 25.22 32.63
CA ARG B 252 -59.12 25.34 32.47
C ARG B 252 -58.61 24.27 31.50
N PRO B 253 -57.41 24.44 30.95
CA PRO B 253 -56.91 23.45 29.98
C PRO B 253 -56.69 22.06 30.58
N PHE B 254 -56.20 21.98 31.82
CA PHE B 254 -55.86 20.70 32.42
C PHE B 254 -56.96 20.14 33.31
N LEU B 255 -58.00 20.93 33.57
CA LEU B 255 -59.12 20.49 34.41
C LEU B 255 -60.29 21.42 34.17
N SER B 256 -61.49 20.92 34.38
CA SER B 256 -62.70 21.70 34.20
C SER B 256 -63.49 21.78 35.51
N LYS B 257 -64.33 22.81 35.60
CA LYS B 257 -65.13 23.07 36.78
C LYS B 257 -66.54 23.45 36.34
N LEU B 258 -67.53 22.94 37.07
CA LEU B 258 -68.93 23.18 36.77
C LEU B 258 -69.56 23.95 37.91
N ILE B 259 -70.23 25.05 37.59
CA ILE B 259 -70.87 25.89 38.60
C ILE B 259 -72.38 25.64 38.60
N ASN B 270 -78.42 13.01 36.71
CA ASN B 270 -77.17 12.39 36.27
C ASN B 270 -76.51 13.22 35.17
N TYR B 271 -75.24 13.55 35.37
CA TYR B 271 -74.49 14.34 34.40
C TYR B 271 -73.16 13.65 34.10
N THR B 272 -72.69 13.85 32.87
CA THR B 272 -71.44 13.27 32.40
C THR B 272 -70.47 14.38 32.02
N CYS B 273 -69.20 14.21 32.35
CA CYS B 273 -68.15 15.11 31.88
C CYS B 273 -67.48 14.49 30.67
N VAL B 274 -67.43 15.25 29.57
CA VAL B 274 -66.91 14.79 28.29
C VAL B 274 -65.68 15.60 27.93
N ALA B 275 -64.54 14.93 27.78
CA ALA B 275 -63.30 15.50 27.26
C ALA B 275 -62.97 14.81 25.95
N SER B 276 -62.60 15.59 24.93
CA SER B 276 -62.36 15.04 23.60
C SER B 276 -61.28 15.85 22.90
N ASN B 277 -60.51 15.17 22.06
CA ASN B 277 -59.53 15.84 21.20
C ASN B 277 -59.61 15.20 19.82
N LYS B 278 -58.63 15.52 18.98
CA LYS B 278 -58.64 15.03 17.60
C LYS B 278 -58.49 13.52 17.49
N LEU B 279 -57.94 12.86 18.50
CA LEU B 279 -57.66 11.43 18.41
C LEU B 279 -58.84 10.57 18.86
N GLY B 280 -59.43 10.87 20.01
CA GLY B 280 -60.49 10.05 20.54
C GLY B 280 -61.34 10.83 21.52
N HIS B 281 -62.28 10.11 22.14
CA HIS B 281 -63.21 10.70 23.10
C HIS B 281 -63.45 9.75 24.26
N THR B 282 -63.64 10.33 25.45
CA THR B 282 -64.03 9.59 26.64
C THR B 282 -65.05 10.40 27.42
N ASN B 283 -65.94 9.69 28.12
CA ASN B 283 -66.93 10.32 28.98
C ASN B 283 -66.96 9.61 30.33
N ALA B 284 -66.97 10.40 31.41
CA ALA B 284 -67.11 9.86 32.75
C ALA B 284 -68.26 10.58 33.43
N SER B 285 -69.17 9.80 34.02
CA SER B 285 -70.39 10.34 34.60
C SER B 285 -70.43 10.13 36.11
N ILE B 286 -71.02 11.11 36.79
CA ILE B 286 -71.28 11.02 38.22
C ILE B 286 -72.62 11.70 38.49
N MET B 287 -73.32 11.21 39.51
CA MET B 287 -74.63 11.74 39.88
C MET B 287 -74.60 12.24 41.30
N LEU B 288 -75.22 13.40 41.53
CA LEU B 288 -75.25 14.01 42.85
C LEU B 288 -76.58 13.73 43.56
C1 NAG C . 3.12 22.08 4.06
C2 NAG C . 2.68 23.54 4.05
C3 NAG C . 1.36 23.72 3.29
C4 NAG C . 1.51 23.14 1.89
C5 NAG C . 1.89 21.67 1.98
C6 NAG C . 2.13 21.02 0.64
C7 NAG C . 2.94 25.32 5.72
C8 NAG C . 2.77 25.68 7.16
N2 NAG C . 2.57 24.07 5.40
O3 NAG C . 1.03 25.09 3.22
O4 NAG C . 0.43 23.44 1.01
O5 NAG C . 3.13 21.56 2.70
O6 NAG C . 3.29 21.55 0.00
O7 NAG C . 3.37 26.11 4.89
C1 NAG C . -0.87 22.84 1.15
C2 NAG C . -1.78 23.68 0.26
C3 NAG C . -3.20 23.12 0.25
C4 NAG C . -3.17 21.65 -0.15
C5 NAG C . -2.24 20.87 0.77
C6 NAG C . -2.06 19.43 0.34
C7 NAG C . -2.12 25.56 1.83
C8 NAG C . -2.04 27.05 1.99
N2 NAG C . -1.77 25.09 0.63
O3 NAG C . -3.99 23.85 -0.66
O4 NAG C . -4.48 21.09 -0.09
O5 NAG C . -0.93 21.47 0.76
O6 NAG C . -2.32 18.54 1.42
O7 NAG C . -2.47 24.83 2.74
C1 NAG D . 20.69 7.80 -1.26
C2 NAG D . 19.84 6.51 -1.33
C3 NAG D . 20.73 5.27 -1.31
C4 NAG D . 21.77 5.35 -2.42
C5 NAG D . 22.58 6.63 -2.25
C6 NAG D . 23.60 6.84 -3.35
C7 NAG D . 18.93 6.38 1.05
C8 NAG D . 20.32 6.41 1.62
N2 NAG D . 18.79 6.44 -0.30
O3 NAG D . 19.92 4.10 -1.50
O4 NAG D . 22.65 4.24 -2.36
O5 NAG D . 21.70 7.76 -2.29
O6 NAG D . 23.80 8.23 -3.60
O7 NAG D . 17.95 6.31 1.78
C1 NAG E . 12.22 -41.78 -11.92
C2 NAG E . 12.46 -42.78 -10.77
C3 NAG E . 11.19 -43.59 -10.45
C4 NAG E . 10.01 -42.65 -10.23
C5 NAG E . 9.86 -41.72 -11.43
C6 NAG E . 8.75 -40.72 -11.25
C7 NAG E . 13.83 -44.58 -11.94
C8 NAG E . 12.75 -44.77 -12.98
N2 NAG E . 13.62 -43.65 -10.98
O3 NAG E . 11.41 -44.37 -9.28
O4 NAG E . 8.82 -43.40 -10.06
O5 NAG E . 11.07 -40.97 -11.62
O6 NAG E . 7.58 -41.31 -10.71
O7 NAG E . 14.87 -45.23 -11.97
C1 NAG F . 8.52 5.44 -12.89
C2 NAG F . 7.09 5.46 -13.45
C3 NAG F . 6.09 5.20 -12.33
C4 NAG F . 6.43 3.92 -11.59
C5 NAG F . 7.88 3.96 -11.10
C6 NAG F . 8.32 2.67 -10.47
C7 NAG F . 6.72 6.84 -15.44
C8 NAG F . 6.43 8.23 -15.96
N2 NAG F . 6.81 6.73 -14.11
O3 NAG F . 4.77 5.11 -12.88
O4 NAG F . 5.57 3.76 -10.46
O5 NAG F . 8.75 4.19 -12.23
O6 NAG F . 7.36 2.19 -9.54
O7 NAG F . 6.87 5.89 -16.20
C1 NAG G . -42.78 0.19 12.96
C2 NAG G . -43.42 -0.08 11.58
C3 NAG G . -43.89 -1.53 11.45
C4 NAG G . -42.78 -2.49 11.88
C5 NAG G . -42.25 -2.09 13.26
C6 NAG G . -41.09 -2.92 13.72
C7 NAG G . -45.63 1.10 11.91
C8 NAG G . -45.92 0.27 13.12
N2 NAG G . -44.48 0.87 11.25
O3 NAG G . -44.23 -1.80 10.10
O4 NAG G . -43.26 -3.83 11.91
O5 NAG G . -41.76 -0.74 13.20
O6 NAG G . -39.88 -2.36 13.22
O7 NAG G . -46.42 1.97 11.54
#